data_1J7K
#
_entry.id   1J7K
#
_cell.length_a   86.217
_cell.length_b   86.217
_cell.length_c   82.142
_cell.angle_alpha   90.00
_cell.angle_beta   90.00
_cell.angle_gamma   120.00
#
_symmetry.space_group_name_H-M   'P 65'
#
loop_
_entity.id
_entity.type
_entity.pdbx_description
1 polymer 'HOLLIDAY JUNCTION DNA HELICASE RUVB'
2 non-polymer 'ACETATE ION'
3 non-polymer 'COBALT (II) ION'
4 non-polymer "ADENOSINE-5'-TRIPHOSPHATE"
5 non-polymer HEXANE-1,6-DIOL
6 water water
#
_entity_poly.entity_id   1
_entity_poly.type   'polypeptide(L)'
_entity_poly.pdbx_seq_one_letter_code
;MSEFLTPERTVYDSGVQFLRPKSLDEFIGQENVKKKLSLALEAAKMRGEVLDHVLLAGPPGLGKTTLAHIIASELQTNIH
VTSGPVLVKQGDMAAILTSLERGDVLFIDEIHRLNKAVEELLYSAIEDFQIDIMIGKGPSAKSIRIDIQPFTLVGATTRS
GLLSSPLRSRFGIILELDFYTVKELKEIIKRAASLMDVEIEDAAAEMIAKRSRGTGRIAIRLTKRVRDMLTVVKADRINT
DIVLKTMEVLNIDDEGLDEFDRKILKTIIEIYRGGPVGLNALAASLGVEADTLSEVYEPYLLQAGFLARTPRGRIVTEKA
YKHLKYEVPENRLF
;
_entity_poly.pdbx_strand_id   A
#
# COMPACT_ATOMS: atom_id res chain seq x y z
N LEU A 19 -9.41 -4.18 12.21
CA LEU A 19 -9.76 -2.75 11.95
C LEU A 19 -10.04 -2.48 10.46
N ARG A 20 -9.97 -3.53 9.65
CA ARG A 20 -10.22 -3.42 8.22
C ARG A 20 -11.70 -3.39 7.89
N PRO A 21 -12.10 -2.64 6.85
CA PRO A 21 -13.51 -2.57 6.44
C PRO A 21 -13.92 -3.87 5.78
N LYS A 22 -15.22 -4.10 5.69
CA LYS A 22 -15.73 -5.33 5.08
C LYS A 22 -16.47 -5.10 3.77
N SER A 23 -16.78 -3.85 3.48
CA SER A 23 -17.48 -3.50 2.24
C SER A 23 -16.95 -2.19 1.69
N LEU A 24 -17.22 -1.93 0.42
CA LEU A 24 -16.76 -0.70 -0.21
C LEU A 24 -17.39 0.52 0.44
N ASP A 25 -18.61 0.34 0.94
CA ASP A 25 -19.31 1.45 1.59
C ASP A 25 -18.63 1.84 2.89
N GLU A 26 -17.88 0.90 3.46
CA GLU A 26 -17.17 1.14 4.71
C GLU A 26 -15.75 1.63 4.46
N PHE A 27 -15.33 1.62 3.20
CA PHE A 27 -13.98 2.05 2.82
C PHE A 27 -13.86 3.55 2.62
N ILE A 28 -13.02 4.18 3.42
CA ILE A 28 -12.80 5.61 3.37
C ILE A 28 -11.69 5.96 2.37
N GLY A 29 -11.93 6.95 1.52
CA GLY A 29 -10.93 7.37 0.56
C GLY A 29 -10.85 6.55 -0.72
N GLN A 30 -9.83 6.84 -1.53
CA GLN A 30 -9.61 6.14 -2.79
C GLN A 30 -10.88 6.24 -3.64
N GLU A 31 -11.42 7.44 -3.78
CA GLU A 31 -12.64 7.63 -4.54
C GLU A 31 -12.57 7.15 -5.98
N ASN A 32 -11.49 7.49 -6.69
CA ASN A 32 -11.33 7.08 -8.08
C ASN A 32 -11.38 5.55 -8.21
N VAL A 33 -10.70 4.87 -7.29
CA VAL A 33 -10.65 3.42 -7.30
C VAL A 33 -12.00 2.78 -6.95
N LYS A 34 -12.63 3.28 -5.89
CA LYS A 34 -13.91 2.75 -5.46
C LYS A 34 -14.99 2.80 -6.56
N LYS A 35 -15.15 3.94 -7.19
CA LYS A 35 -16.18 4.03 -8.22
C LYS A 35 -15.95 3.09 -9.40
N LYS A 36 -14.69 2.92 -9.82
CA LYS A 36 -14.38 2.02 -10.93
C LYS A 36 -14.67 0.59 -10.50
N LEU A 37 -14.14 0.20 -9.34
CA LEU A 37 -14.35 -1.15 -8.83
C LEU A 37 -15.83 -1.46 -8.54
N SER A 38 -16.53 -0.50 -7.94
CA SER A 38 -17.94 -0.67 -7.61
C SER A 38 -18.79 -0.95 -8.86
N LEU A 39 -18.51 -0.22 -9.94
CA LEU A 39 -19.24 -0.41 -11.19
C LEU A 39 -19.11 -1.84 -11.68
N ALA A 40 -17.89 -2.34 -11.78
CA ALA A 40 -17.64 -3.70 -12.27
C ALA A 40 -18.16 -4.76 -11.29
N LEU A 41 -17.96 -4.51 -10.00
CA LEU A 41 -18.38 -5.43 -8.95
C LEU A 41 -19.91 -5.60 -8.90
N GLU A 42 -20.63 -4.49 -8.84
CA GLU A 42 -22.08 -4.56 -8.78
C GLU A 42 -22.67 -5.19 -10.03
N ALA A 43 -22.15 -4.83 -11.20
CA ALA A 43 -22.64 -5.39 -12.45
C ALA A 43 -22.44 -6.91 -12.46
N ALA A 44 -21.23 -7.36 -12.15
CA ALA A 44 -20.91 -8.78 -12.12
C ALA A 44 -21.81 -9.52 -11.15
N LYS A 45 -22.12 -8.92 -10.02
CA LYS A 45 -22.99 -9.58 -9.06
C LYS A 45 -24.41 -9.69 -9.59
N MET A 46 -24.91 -8.61 -10.17
CA MET A 46 -26.27 -8.60 -10.72
C MET A 46 -26.47 -9.64 -11.81
N ARG A 47 -25.42 -9.91 -12.57
N ARG A 47 -25.41 -9.91 -12.57
CA ARG A 47 -25.50 -10.90 -13.65
CA ARG A 47 -25.49 -10.88 -13.65
C ARG A 47 -25.00 -12.25 -13.18
C ARG A 47 -24.97 -12.24 -13.19
N GLY A 48 -24.57 -12.32 -11.93
CA GLY A 48 -24.06 -13.57 -11.40
C GLY A 48 -22.87 -14.05 -12.19
N GLU A 49 -22.09 -13.12 -12.74
CA GLU A 49 -20.91 -13.45 -13.53
C GLU A 49 -19.62 -13.36 -12.70
N VAL A 50 -18.59 -14.03 -13.19
CA VAL A 50 -17.29 -14.01 -12.53
C VAL A 50 -16.68 -12.65 -12.87
N LEU A 51 -16.25 -11.92 -11.84
CA LEU A 51 -15.66 -10.59 -12.02
C LEU A 51 -14.39 -10.64 -12.86
N ASP A 52 -14.20 -9.67 -13.75
CA ASP A 52 -12.99 -9.62 -14.57
C ASP A 52 -11.77 -9.45 -13.67
N HIS A 53 -10.62 -9.92 -14.12
CA HIS A 53 -9.38 -9.83 -13.33
C HIS A 53 -9.07 -8.38 -12.96
N VAL A 54 -8.58 -8.20 -11.73
CA VAL A 54 -8.28 -6.87 -11.20
C VAL A 54 -6.84 -6.72 -10.70
N LEU A 55 -6.21 -5.61 -11.09
CA LEU A 55 -4.86 -5.32 -10.65
C LEU A 55 -4.88 -4.08 -9.74
N LEU A 56 -4.34 -4.21 -8.55
CA LEU A 56 -4.27 -3.12 -7.56
C LEU A 56 -2.81 -2.70 -7.47
N ALA A 57 -2.53 -1.43 -7.70
CA ALA A 57 -1.16 -0.95 -7.66
C ALA A 57 -1.03 0.33 -6.84
N GLY A 58 0.06 0.45 -6.10
CA GLY A 58 0.28 1.64 -5.28
C GLY A 58 1.19 1.31 -4.13
N PRO A 59 1.78 2.32 -3.47
CA PRO A 59 2.68 2.05 -2.34
C PRO A 59 2.05 1.23 -1.22
N PRO A 60 2.87 0.65 -0.34
CA PRO A 60 2.40 -0.17 0.78
C PRO A 60 1.51 0.59 1.76
N GLY A 61 0.57 -0.13 2.38
CA GLY A 61 -0.32 0.46 3.38
C GLY A 61 -1.46 1.32 2.87
N LEU A 62 -1.75 1.26 1.57
CA LEU A 62 -2.83 2.06 1.00
C LEU A 62 -4.16 1.34 0.92
N GLY A 63 -4.18 0.06 1.23
CA GLY A 63 -5.44 -0.68 1.19
C GLY A 63 -5.65 -1.67 0.06
N LYS A 64 -4.59 -2.07 -0.63
CA LYS A 64 -4.73 -3.03 -1.72
C LYS A 64 -5.23 -4.38 -1.19
N THR A 65 -4.59 -4.87 -0.13
CA THR A 65 -4.97 -6.15 0.46
C THR A 65 -6.38 -6.04 1.02
N THR A 66 -6.68 -4.91 1.63
CA THR A 66 -7.99 -4.66 2.20
C THR A 66 -9.06 -4.73 1.10
N LEU A 67 -8.80 -4.07 -0.03
CA LEU A 67 -9.73 -4.10 -1.15
C LEU A 67 -9.91 -5.50 -1.72
N ALA A 68 -8.82 -6.27 -1.75
CA ALA A 68 -8.91 -7.63 -2.28
C ALA A 68 -9.92 -8.45 -1.46
N HIS A 69 -9.85 -8.32 -0.15
CA HIS A 69 -10.79 -9.05 0.72
C HIS A 69 -12.22 -8.55 0.53
N ILE A 70 -12.37 -7.25 0.34
CA ILE A 70 -13.68 -6.67 0.14
C ILE A 70 -14.28 -7.23 -1.15
N ILE A 71 -13.44 -7.36 -2.19
CA ILE A 71 -13.91 -7.90 -3.45
C ILE A 71 -14.54 -9.29 -3.26
N ALA A 72 -13.84 -10.17 -2.56
CA ALA A 72 -14.37 -11.52 -2.32
C ALA A 72 -15.64 -11.48 -1.47
N SER A 73 -15.65 -10.63 -0.44
CA SER A 73 -16.82 -10.52 0.44
C SER A 73 -18.04 -10.00 -0.31
N GLU A 74 -17.83 -9.00 -1.17
CA GLU A 74 -18.93 -8.43 -1.95
C GLU A 74 -19.48 -9.47 -2.92
N LEU A 75 -18.58 -10.27 -3.49
CA LEU A 75 -18.98 -11.31 -4.43
C LEU A 75 -19.52 -12.52 -3.69
N GLN A 76 -19.27 -12.56 -2.38
CA GLN A 76 -19.67 -13.68 -1.53
C GLN A 76 -18.95 -14.96 -1.90
N THR A 77 -17.71 -14.84 -2.33
CA THR A 77 -16.90 -16.01 -2.69
C THR A 77 -15.74 -16.13 -1.73
N ASN A 78 -14.94 -17.18 -1.91
CA ASN A 78 -13.80 -17.42 -1.05
C ASN A 78 -12.55 -16.71 -1.58
N ILE A 79 -11.70 -16.23 -0.68
CA ILE A 79 -10.48 -15.57 -1.12
C ILE A 79 -9.30 -16.46 -0.75
N HIS A 80 -8.38 -16.61 -1.71
CA HIS A 80 -7.18 -17.42 -1.50
C HIS A 80 -6.00 -16.47 -1.55
N VAL A 81 -5.37 -16.24 -0.41
CA VAL A 81 -4.23 -15.34 -0.29
C VAL A 81 -2.88 -16.02 -0.49
N THR A 82 -2.01 -15.39 -1.27
CA THR A 82 -0.67 -15.90 -1.54
C THR A 82 0.20 -14.75 -2.08
N SER A 83 1.45 -15.04 -2.40
CA SER A 83 2.35 -14.02 -2.94
C SER A 83 3.38 -14.66 -3.87
N GLY A 84 3.86 -13.88 -4.82
CA GLY A 84 4.84 -14.38 -5.77
C GLY A 84 6.04 -15.07 -5.12
N PRO A 85 6.72 -14.39 -4.18
CA PRO A 85 7.89 -14.97 -3.50
C PRO A 85 7.66 -16.36 -2.91
N VAL A 86 6.40 -16.66 -2.59
CA VAL A 86 6.04 -17.95 -2.02
C VAL A 86 5.92 -19.05 -3.07
N LEU A 87 5.25 -18.72 -4.17
CA LEU A 87 5.07 -19.68 -5.25
C LEU A 87 6.33 -19.79 -6.10
N VAL A 88 7.19 -20.74 -5.76
CA VAL A 88 8.44 -20.92 -6.49
C VAL A 88 8.36 -22.05 -7.51
N LYS A 89 7.62 -23.10 -7.18
CA LYS A 89 7.49 -24.24 -8.09
C LYS A 89 6.05 -24.36 -8.61
N GLN A 90 5.94 -24.78 -9.87
CA GLN A 90 4.63 -24.93 -10.50
C GLN A 90 3.66 -25.75 -9.66
N GLY A 91 4.20 -26.69 -8.88
CA GLY A 91 3.36 -27.51 -8.04
C GLY A 91 2.59 -26.68 -7.03
N ASP A 92 3.22 -25.63 -6.52
CA ASP A 92 2.57 -24.76 -5.55
C ASP A 92 1.40 -24.02 -6.20
N MET A 93 1.64 -23.47 -7.39
CA MET A 93 0.60 -22.74 -8.12
C MET A 93 -0.54 -23.66 -8.54
N ALA A 94 -0.18 -24.88 -8.92
CA ALA A 94 -1.18 -25.86 -9.35
C ALA A 94 -2.14 -26.19 -8.21
N ALA A 95 -1.59 -26.47 -7.04
CA ALA A 95 -2.41 -26.81 -5.87
C ALA A 95 -3.45 -25.73 -5.56
N ILE A 96 -3.05 -24.47 -5.71
CA ILE A 96 -3.96 -23.36 -5.42
C ILE A 96 -5.05 -23.24 -6.48
N LEU A 97 -4.66 -23.20 -7.74
CA LEU A 97 -5.59 -23.07 -8.84
C LEU A 97 -6.66 -24.15 -8.82
N THR A 98 -6.26 -25.38 -8.46
CA THR A 98 -7.19 -26.50 -8.40
C THR A 98 -8.11 -26.44 -7.19
N SER A 99 -7.75 -25.64 -6.19
CA SER A 99 -8.58 -25.52 -5.00
C SER A 99 -9.58 -24.38 -5.15
N LEU A 100 -9.48 -23.65 -6.26
CA LEU A 100 -10.39 -22.53 -6.52
C LEU A 100 -11.78 -23.00 -6.94
N GLU A 101 -12.80 -22.42 -6.30
CA GLU A 101 -14.19 -22.74 -6.61
C GLU A 101 -14.70 -21.63 -7.53
N ARG A 102 -15.72 -21.93 -8.33
CA ARG A 102 -16.25 -20.94 -9.25
C ARG A 102 -16.52 -19.60 -8.57
N GLY A 103 -15.97 -18.53 -9.14
CA GLY A 103 -16.17 -17.20 -8.61
C GLY A 103 -15.21 -16.79 -7.50
N ASP A 104 -14.39 -17.74 -7.04
CA ASP A 104 -13.43 -17.45 -5.98
C ASP A 104 -12.41 -16.42 -6.41
N VAL A 105 -11.81 -15.78 -5.41
CA VAL A 105 -10.80 -14.77 -5.66
C VAL A 105 -9.42 -15.32 -5.33
N LEU A 106 -8.51 -15.22 -6.29
CA LEU A 106 -7.13 -15.64 -6.11
C LEU A 106 -6.34 -14.36 -5.92
N PHE A 107 -5.96 -14.07 -4.68
CA PHE A 107 -5.22 -12.86 -4.36
C PHE A 107 -3.73 -13.11 -4.29
N ILE A 108 -2.99 -12.48 -5.22
CA ILE A 108 -1.56 -12.64 -5.27
C ILE A 108 -0.87 -11.32 -4.98
N ASP A 109 -0.34 -11.20 -3.77
CA ASP A 109 0.36 -9.99 -3.35
C ASP A 109 1.75 -10.07 -3.97
N GLU A 110 2.30 -8.91 -4.31
CA GLU A 110 3.63 -8.86 -4.93
C GLU A 110 3.62 -9.74 -6.17
N ILE A 111 2.58 -9.59 -6.99
CA ILE A 111 2.41 -10.41 -8.18
C ILE A 111 3.54 -10.31 -9.20
N HIS A 112 4.25 -9.17 -9.21
CA HIS A 112 5.35 -9.00 -10.15
C HIS A 112 6.57 -9.83 -9.76
N ARG A 113 6.53 -10.45 -8.59
CA ARG A 113 7.65 -11.27 -8.13
C ARG A 113 7.47 -12.75 -8.47
N LEU A 114 6.55 -13.05 -9.37
CA LEU A 114 6.32 -14.43 -9.79
C LEU A 114 7.42 -14.86 -10.76
N ASN A 115 8.03 -16.01 -10.51
CA ASN A 115 9.08 -16.52 -11.38
C ASN A 115 8.47 -17.04 -12.66
N LYS A 116 9.29 -17.14 -13.71
CA LYS A 116 8.87 -17.63 -15.01
C LYS A 116 7.97 -18.85 -14.92
N ALA A 117 8.43 -19.87 -14.20
CA ALA A 117 7.66 -21.12 -14.04
C ALA A 117 6.21 -20.86 -13.62
N VAL A 118 6.00 -20.50 -12.36
CA VAL A 118 4.67 -20.25 -11.84
C VAL A 118 3.90 -19.20 -12.64
N GLU A 119 4.62 -18.22 -13.18
CA GLU A 119 4.01 -17.15 -13.96
C GLU A 119 3.36 -17.70 -15.22
N GLU A 120 4.09 -18.53 -15.95
CA GLU A 120 3.58 -19.11 -17.18
C GLU A 120 2.35 -19.98 -16.90
N LEU A 121 2.38 -20.67 -15.76
CA LEU A 121 1.28 -21.53 -15.36
C LEU A 121 0.02 -20.72 -15.08
N LEU A 122 0.18 -19.60 -14.37
CA LEU A 122 -0.95 -18.72 -14.03
C LEU A 122 -1.55 -18.09 -15.29
N TYR A 123 -0.68 -17.63 -16.18
CA TYR A 123 -1.12 -16.99 -17.43
C TYR A 123 -1.98 -17.97 -18.22
N SER A 124 -1.58 -19.24 -18.22
CA SER A 124 -2.31 -20.28 -18.94
C SER A 124 -3.70 -20.53 -18.36
N ALA A 125 -3.79 -20.53 -17.04
CA ALA A 125 -5.07 -20.76 -16.38
C ALA A 125 -6.07 -19.63 -16.58
N ILE A 126 -5.57 -18.43 -16.90
CA ILE A 126 -6.46 -17.28 -17.10
C ILE A 126 -6.85 -17.05 -18.57
N GLU A 127 -6.47 -17.97 -19.44
CA GLU A 127 -6.82 -17.84 -20.85
C GLU A 127 -7.96 -18.77 -21.25
N ASP A 128 -8.14 -19.84 -20.49
CA ASP A 128 -9.19 -20.80 -20.79
C ASP A 128 -9.56 -21.64 -19.56
N PHE A 129 -9.01 -21.26 -18.42
CA PHE A 129 -9.26 -21.96 -17.17
C PHE A 129 -8.99 -23.46 -17.28
N GLN A 130 -7.72 -23.79 -17.51
CA GLN A 130 -7.28 -25.18 -17.64
C GLN A 130 -5.76 -25.21 -17.65
N ILE A 131 -5.17 -26.16 -16.94
CA ILE A 131 -3.72 -26.27 -16.88
C ILE A 131 -3.24 -27.70 -17.07
N ASP A 132 -2.04 -27.84 -17.63
CA ASP A 132 -1.45 -29.15 -17.85
C ASP A 132 -0.08 -29.26 -17.19
N ILE A 133 -0.03 -30.00 -16.09
CA ILE A 133 1.22 -30.22 -15.36
C ILE A 133 1.94 -28.90 -15.10
N ILE A 146 -6.04 -30.99 -16.30
CA ILE A 146 -6.53 -30.29 -15.07
C ILE A 146 -7.32 -29.04 -15.43
N ASP A 147 -8.64 -29.10 -15.32
CA ASP A 147 -9.49 -27.95 -15.61
C ASP A 147 -9.65 -27.10 -14.36
N ILE A 148 -9.63 -25.78 -14.53
CA ILE A 148 -9.77 -24.86 -13.43
C ILE A 148 -11.13 -24.17 -13.41
N GLN A 149 -11.69 -24.00 -12.21
CA GLN A 149 -12.99 -23.34 -12.06
C GLN A 149 -12.83 -21.85 -12.33
N PRO A 150 -13.77 -21.26 -13.08
CA PRO A 150 -13.72 -19.83 -13.40
C PRO A 150 -13.53 -19.02 -12.12
N PHE A 151 -12.48 -18.19 -12.10
CA PHE A 151 -12.19 -17.39 -10.92
C PHE A 151 -11.72 -15.99 -11.28
N THR A 152 -11.55 -15.15 -10.26
CA THR A 152 -11.10 -13.79 -10.47
C THR A 152 -9.70 -13.61 -9.90
N LEU A 153 -8.76 -13.24 -10.75
CA LEU A 153 -7.40 -13.00 -10.30
C LEU A 153 -7.32 -11.56 -9.82
N VAL A 154 -6.90 -11.38 -8.58
CA VAL A 154 -6.72 -10.05 -8.01
C VAL A 154 -5.25 -10.00 -7.65
N GLY A 155 -4.50 -9.17 -8.38
CA GLY A 155 -3.08 -9.05 -8.10
C GLY A 155 -2.78 -7.72 -7.43
N ALA A 156 -1.74 -7.69 -6.60
CA ALA A 156 -1.37 -6.44 -5.93
C ALA A 156 0.13 -6.24 -6.14
N THR A 157 0.52 -4.99 -6.40
CA THR A 157 1.93 -4.68 -6.61
C THR A 157 2.14 -3.22 -6.20
N THR A 158 3.38 -2.87 -5.87
CA THR A 158 3.69 -1.50 -5.47
C THR A 158 3.64 -0.57 -6.68
N ARG A 159 3.82 -1.15 -7.87
CA ARG A 159 3.82 -0.39 -9.12
C ARG A 159 3.40 -1.29 -10.27
N SER A 160 2.28 -0.93 -10.91
CA SER A 160 1.75 -1.72 -12.02
C SER A 160 2.77 -1.96 -13.12
N GLY A 161 3.63 -0.99 -13.35
CA GLY A 161 4.64 -1.13 -14.39
C GLY A 161 5.64 -2.24 -14.14
N LEU A 162 5.64 -2.79 -12.92
CA LEU A 162 6.57 -3.86 -12.57
C LEU A 162 6.20 -5.20 -13.21
N LEU A 163 4.95 -5.35 -13.62
CA LEU A 163 4.51 -6.59 -14.25
C LEU A 163 4.94 -6.66 -15.72
N SER A 164 5.11 -7.87 -16.23
CA SER A 164 5.50 -8.06 -17.62
C SER A 164 4.37 -7.56 -18.51
N SER A 165 4.69 -7.21 -19.75
CA SER A 165 3.68 -6.72 -20.68
C SER A 165 2.55 -7.72 -20.89
N PRO A 166 2.89 -9.01 -21.07
CA PRO A 166 1.86 -10.03 -21.26
C PRO A 166 0.83 -10.12 -20.13
N LEU A 167 1.31 -10.38 -18.92
CA LEU A 167 0.44 -10.52 -17.75
C LEU A 167 -0.43 -9.29 -17.50
N ARG A 168 0.19 -8.11 -17.54
CA ARG A 168 -0.57 -6.89 -17.28
C ARG A 168 -1.70 -6.70 -18.28
N SER A 169 -1.50 -7.15 -19.50
CA SER A 169 -2.51 -7.03 -20.54
C SER A 169 -3.71 -7.95 -20.28
N ARG A 170 -3.60 -8.80 -19.27
CA ARG A 170 -4.66 -9.74 -18.92
C ARG A 170 -5.66 -9.14 -17.93
N PHE A 171 -5.24 -8.10 -17.22
CA PHE A 171 -6.13 -7.47 -16.26
C PHE A 171 -7.06 -6.48 -16.94
N GLY A 172 -8.37 -6.72 -16.82
CA GLY A 172 -9.34 -5.83 -17.44
C GLY A 172 -9.67 -4.65 -16.54
N ILE A 173 -9.26 -4.74 -15.28
CA ILE A 173 -9.51 -3.69 -14.32
C ILE A 173 -8.22 -3.35 -13.57
N ILE A 174 -7.62 -2.20 -13.87
CA ILE A 174 -6.40 -1.78 -13.19
C ILE A 174 -6.72 -0.57 -12.30
N LEU A 175 -6.49 -0.73 -11.01
CA LEU A 175 -6.79 0.30 -10.04
C LEU A 175 -5.50 0.84 -9.41
N GLU A 176 -5.20 2.10 -9.71
CA GLU A 176 -4.00 2.77 -9.18
C GLU A 176 -4.34 3.56 -7.93
N LEU A 177 -3.91 3.07 -6.77
CA LEU A 177 -4.17 3.75 -5.51
C LEU A 177 -3.19 4.91 -5.34
N ASP A 178 -3.67 6.00 -4.75
CA ASP A 178 -2.84 7.17 -4.51
C ASP A 178 -2.78 7.44 -3.03
N PHE A 179 -1.91 8.36 -2.63
CA PHE A 179 -1.85 8.70 -1.22
C PHE A 179 -3.17 9.33 -0.82
N TYR A 180 -3.57 9.14 0.44
CA TYR A 180 -4.81 9.71 0.94
C TYR A 180 -4.60 11.19 1.25
N THR A 181 -5.68 11.95 1.23
CA THR A 181 -5.60 13.36 1.57
C THR A 181 -5.63 13.45 3.09
N VAL A 182 -5.21 14.58 3.66
CA VAL A 182 -5.22 14.77 5.11
C VAL A 182 -6.63 14.55 5.63
N LYS A 183 -7.61 15.08 4.91
CA LYS A 183 -9.00 14.95 5.31
C LYS A 183 -9.44 13.48 5.41
N GLU A 184 -9.07 12.68 4.43
CA GLU A 184 -9.43 11.26 4.42
C GLU A 184 -8.75 10.52 5.56
N LEU A 185 -7.48 10.85 5.79
CA LEU A 185 -6.72 10.23 6.86
C LEU A 185 -7.35 10.55 8.21
N LYS A 186 -7.79 11.81 8.38
CA LYS A 186 -8.41 12.19 9.64
C LYS A 186 -9.66 11.35 9.85
N GLU A 187 -10.43 11.12 8.80
CA GLU A 187 -11.63 10.30 8.92
C GLU A 187 -11.28 8.88 9.35
N ILE A 188 -10.18 8.36 8.80
CA ILE A 188 -9.72 7.01 9.12
C ILE A 188 -9.26 6.95 10.58
N ILE A 189 -8.55 7.99 11.01
CA ILE A 189 -8.04 8.11 12.37
C ILE A 189 -9.22 8.17 13.35
N LYS A 190 -10.23 8.97 13.03
CA LYS A 190 -11.38 9.06 13.92
C LYS A 190 -12.10 7.73 14.01
N ARG A 191 -12.19 7.02 12.90
N ARG A 191 -12.19 7.01 12.91
CA ARG A 191 -12.85 5.71 12.86
CA ARG A 191 -12.86 5.71 12.88
C ARG A 191 -12.08 4.70 13.72
C ARG A 191 -12.08 4.71 13.73
N ALA A 192 -10.76 4.71 13.57
CA ALA A 192 -9.90 3.81 14.33
C ALA A 192 -10.05 4.05 15.83
N ALA A 193 -9.99 5.31 16.24
CA ALA A 193 -10.12 5.67 17.65
C ALA A 193 -11.45 5.18 18.22
N SER A 194 -12.52 5.37 17.46
CA SER A 194 -13.85 4.94 17.89
C SER A 194 -13.86 3.44 18.19
N LEU A 195 -13.22 2.66 17.34
CA LEU A 195 -13.17 1.21 17.52
C LEU A 195 -12.25 0.81 18.68
N MET A 196 -11.29 1.66 19.02
CA MET A 196 -10.37 1.37 20.11
C MET A 196 -10.87 1.89 21.45
N ASP A 197 -12.13 2.28 21.50
CA ASP A 197 -12.73 2.78 22.73
C ASP A 197 -12.01 4.01 23.27
N VAL A 198 -11.65 4.94 22.39
CA VAL A 198 -10.94 6.15 22.81
C VAL A 198 -11.45 7.41 22.10
N GLU A 199 -11.56 8.49 22.85
CA GLU A 199 -12.03 9.77 22.31
C GLU A 199 -10.86 10.56 21.76
N ILE A 200 -11.09 11.33 20.70
CA ILE A 200 -10.02 12.12 20.11
C ILE A 200 -10.58 13.43 19.58
N GLU A 201 -9.84 14.51 19.79
CA GLU A 201 -10.25 15.82 19.31
C GLU A 201 -9.83 15.99 17.87
N ASP A 202 -10.68 16.68 17.10
CA ASP A 202 -10.41 16.94 15.70
C ASP A 202 -9.01 17.48 15.46
N ALA A 203 -8.61 18.46 16.28
CA ALA A 203 -7.29 19.06 16.14
C ALA A 203 -6.19 18.00 16.25
N ALA A 204 -6.39 17.04 17.16
CA ALA A 204 -5.40 15.98 17.37
C ALA A 204 -5.41 15.03 16.18
N ALA A 205 -6.59 14.68 15.72
CA ALA A 205 -6.76 13.79 14.57
C ALA A 205 -6.05 14.41 13.36
N GLU A 206 -6.23 15.73 13.20
CA GLU A 206 -5.64 16.47 12.08
C GLU A 206 -4.11 16.40 12.16
N MET A 207 -3.58 16.52 13.38
CA MET A 207 -2.14 16.47 13.58
C MET A 207 -1.58 15.12 13.16
N ILE A 208 -2.22 14.04 13.60
CA ILE A 208 -1.80 12.69 13.24
C ILE A 208 -1.86 12.52 11.71
N ALA A 209 -2.96 12.94 11.11
CA ALA A 209 -3.09 12.81 9.66
C ALA A 209 -1.96 13.49 8.90
N LYS A 210 -1.60 14.70 9.32
CA LYS A 210 -0.54 15.46 8.68
C LYS A 210 0.81 14.75 8.81
N ARG A 211 0.91 13.84 9.77
CA ARG A 211 2.16 13.12 9.97
C ARG A 211 2.09 11.65 9.58
N SER A 212 1.09 11.30 8.78
CA SER A 212 0.91 9.91 8.36
C SER A 212 1.44 9.57 6.97
N ARG A 213 2.25 10.47 6.41
CA ARG A 213 2.85 10.25 5.10
C ARG A 213 1.86 9.69 4.07
N GLY A 214 0.67 10.30 4.02
CA GLY A 214 -0.40 9.94 3.10
C GLY A 214 -0.89 8.51 3.13
N THR A 215 -0.44 7.76 4.13
CA THR A 215 -0.76 6.35 4.21
C THR A 215 -1.71 5.90 5.33
N GLY A 216 -2.82 5.27 4.95
CA GLY A 216 -3.78 4.80 5.93
C GLY A 216 -3.20 3.90 7.02
N ARG A 217 -2.39 2.92 6.63
CA ARG A 217 -1.80 2.03 7.62
C ARG A 217 -1.02 2.82 8.67
N ILE A 218 -0.24 3.81 8.22
CA ILE A 218 0.55 4.62 9.14
C ILE A 218 -0.35 5.44 10.07
N ALA A 219 -1.43 5.99 9.54
CA ALA A 219 -2.33 6.78 10.37
C ALA A 219 -2.93 5.90 11.47
N ILE A 220 -3.36 4.70 11.13
CA ILE A 220 -3.95 3.80 12.11
C ILE A 220 -2.93 3.39 13.19
N ARG A 221 -1.71 3.04 12.78
CA ARG A 221 -0.70 2.65 13.74
C ARG A 221 -0.28 3.79 14.64
N LEU A 222 -0.24 5.01 14.10
CA LEU A 222 0.13 6.15 14.92
C LEU A 222 -1.03 6.39 15.91
N THR A 223 -2.26 6.13 15.48
CA THR A 223 -3.41 6.32 16.37
C THR A 223 -3.31 5.35 17.54
N LYS A 224 -2.87 4.12 17.28
CA LYS A 224 -2.73 3.14 18.35
C LYS A 224 -1.65 3.58 19.35
N ARG A 225 -0.55 4.11 18.83
CA ARG A 225 0.54 4.58 19.68
C ARG A 225 0.10 5.81 20.50
N VAL A 226 -0.63 6.72 19.87
CA VAL A 226 -1.08 7.90 20.60
C VAL A 226 -2.04 7.47 21.71
N ARG A 227 -2.79 6.40 21.43
CA ARG A 227 -3.71 5.84 22.40
C ARG A 227 -2.92 5.34 23.62
N ASP A 228 -1.74 4.77 23.37
CA ASP A 228 -0.91 4.29 24.47
C ASP A 228 -0.46 5.46 25.34
N MET A 229 -0.18 6.60 24.72
CA MET A 229 0.25 7.76 25.48
C MET A 229 -0.94 8.23 26.34
N LEU A 230 -2.13 8.22 25.76
CA LEU A 230 -3.33 8.61 26.49
C LEU A 230 -3.47 7.72 27.72
N THR A 231 -3.18 6.43 27.55
CA THR A 231 -3.28 5.46 28.65
C THR A 231 -2.28 5.74 29.76
N VAL A 232 -1.02 5.96 29.40
CA VAL A 232 0.02 6.22 30.39
C VAL A 232 -0.14 7.54 31.13
N VAL A 233 -0.57 8.59 30.43
CA VAL A 233 -0.75 9.90 31.06
C VAL A 233 -2.11 10.02 31.75
N LYS A 234 -2.97 9.03 31.56
CA LYS A 234 -4.29 9.02 32.17
C LYS A 234 -5.14 10.22 31.74
N ALA A 235 -5.33 10.38 30.43
CA ALA A 235 -6.12 11.48 29.91
C ALA A 235 -7.51 10.97 29.50
N ASP A 236 -8.48 11.88 29.41
CA ASP A 236 -9.84 11.49 29.04
C ASP A 236 -10.01 11.41 27.53
N ARG A 237 -9.16 12.12 26.81
CA ARG A 237 -9.24 12.12 25.36
C ARG A 237 -7.94 12.59 24.73
N ILE A 238 -7.71 12.18 23.48
CA ILE A 238 -6.50 12.55 22.76
C ILE A 238 -6.54 14.00 22.31
N ASN A 239 -5.55 14.78 22.75
CA ASN A 239 -5.45 16.18 22.37
C ASN A 239 -4.12 16.37 21.64
N THR A 240 -3.83 17.61 21.23
CA THR A 240 -2.58 17.91 20.53
C THR A 240 -1.36 17.65 21.40
N ASP A 241 -1.48 17.93 22.69
CA ASP A 241 -0.39 17.71 23.63
C ASP A 241 0.03 16.24 23.61
N ILE A 242 -0.95 15.35 23.75
CA ILE A 242 -0.71 13.92 23.75
C ILE A 242 -0.11 13.45 22.44
N VAL A 243 -0.61 13.98 21.32
CA VAL A 243 -0.07 13.57 20.02
C VAL A 243 1.38 13.98 19.91
N LEU A 244 1.70 15.21 20.28
CA LEU A 244 3.05 15.75 20.22
C LEU A 244 3.98 14.89 21.07
N LYS A 245 3.56 14.53 22.26
CA LYS A 245 4.39 13.71 23.13
C LYS A 245 4.69 12.36 22.47
N THR A 246 3.68 11.79 21.84
CA THR A 246 3.83 10.49 21.18
C THR A 246 4.82 10.62 20.01
N MET A 247 4.63 11.63 19.18
CA MET A 247 5.51 11.85 18.04
C MET A 247 6.99 11.97 18.48
N GLU A 248 7.23 12.63 19.61
CA GLU A 248 8.58 12.77 20.13
C GLU A 248 9.16 11.40 20.48
N VAL A 249 8.34 10.57 21.12
CA VAL A 249 8.76 9.22 21.49
C VAL A 249 9.02 8.34 20.27
N LEU A 250 8.19 8.49 19.24
CA LEU A 250 8.32 7.71 18.01
C LEU A 250 9.32 8.32 17.03
N ASN A 251 9.83 9.50 17.36
N ASN A 251 9.79 9.52 17.37
CA ASN A 251 10.78 10.20 16.50
CA ASN A 251 10.77 10.22 16.55
C ASN A 251 10.20 10.54 15.14
C ASN A 251 10.21 10.56 15.17
N ILE A 252 8.98 11.04 15.13
CA ILE A 252 8.32 11.42 13.89
C ILE A 252 8.24 12.94 13.89
N ASP A 253 8.78 13.59 12.85
CA ASP A 253 8.76 15.05 12.83
C ASP A 253 7.47 15.66 12.33
N ASP A 254 7.45 17.00 12.25
CA ASP A 254 6.26 17.73 11.83
C ASP A 254 5.80 17.43 10.41
N GLU A 255 6.66 16.79 9.63
CA GLU A 255 6.34 16.42 8.26
C GLU A 255 6.03 14.93 8.17
N GLY A 256 5.90 14.27 9.32
CA GLY A 256 5.60 12.85 9.34
C GLY A 256 6.78 11.96 8.99
N LEU A 257 7.97 12.54 8.78
CA LEU A 257 9.13 11.74 8.43
C LEU A 257 9.67 10.96 9.62
N ASP A 258 10.04 9.70 9.39
CA ASP A 258 10.61 8.91 10.45
C ASP A 258 12.13 8.88 10.38
N GLU A 259 12.72 8.04 11.23
CA GLU A 259 14.16 7.86 11.33
C GLU A 259 14.80 7.54 9.97
N PHE A 260 14.27 6.54 9.30
CA PHE A 260 14.83 6.11 8.03
C PHE A 260 14.61 7.11 6.90
N ASP A 261 13.48 7.83 6.93
CA ASP A 261 13.20 8.84 5.89
C ASP A 261 14.30 9.89 5.98
N ARG A 262 14.63 10.30 7.20
CA ARG A 262 15.66 11.30 7.38
C ARG A 262 17.04 10.75 7.03
N LYS A 263 17.25 9.47 7.27
CA LYS A 263 18.54 8.86 6.95
C LYS A 263 18.77 8.84 5.44
N ILE A 264 17.69 8.62 4.68
CA ILE A 264 17.80 8.60 3.23
C ILE A 264 18.20 9.99 2.73
N LEU A 265 17.51 11.01 3.22
CA LEU A 265 17.77 12.38 2.81
C LEU A 265 19.14 12.87 3.26
N LYS A 266 19.54 12.52 4.48
CA LYS A 266 20.83 12.95 4.99
C LYS A 266 21.97 12.25 4.25
N THR A 267 21.74 11.00 3.86
CA THR A 267 22.76 10.26 3.15
C THR A 267 22.99 10.89 1.78
N ILE A 268 21.91 11.30 1.12
CA ILE A 268 22.08 11.92 -0.18
C ILE A 268 22.78 13.27 -0.02
N ILE A 269 22.36 14.03 0.99
CA ILE A 269 22.92 15.35 1.27
C ILE A 269 24.41 15.30 1.62
N GLU A 270 24.75 14.50 2.62
CA GLU A 270 26.14 14.42 3.07
C GLU A 270 27.09 13.57 2.23
N ILE A 271 26.73 12.33 1.95
CA ILE A 271 27.60 11.45 1.19
C ILE A 271 27.64 11.75 -0.30
N TYR A 272 26.50 12.11 -0.87
CA TYR A 272 26.43 12.38 -2.29
C TYR A 272 26.25 13.82 -2.72
N ARG A 273 26.47 14.74 -1.79
CA ARG A 273 26.40 16.16 -2.06
C ARG A 273 25.07 16.62 -2.65
N GLY A 274 23.97 15.96 -2.26
CA GLY A 274 22.66 16.34 -2.74
C GLY A 274 22.21 15.57 -3.98
N GLY A 275 23.11 14.74 -4.50
CA GLY A 275 22.81 13.97 -5.68
C GLY A 275 23.30 14.71 -6.93
N PRO A 276 23.02 14.15 -8.12
CA PRO A 276 22.29 12.90 -8.31
C PRO A 276 23.05 11.65 -7.89
N VAL A 277 22.31 10.70 -7.34
CA VAL A 277 22.87 9.42 -6.93
C VAL A 277 21.95 8.31 -7.41
N GLY A 278 22.56 7.29 -7.99
CA GLY A 278 21.80 6.16 -8.50
C GLY A 278 21.15 5.36 -7.39
N LEU A 279 20.05 4.70 -7.74
CA LEU A 279 19.31 3.90 -6.80
C LEU A 279 20.18 2.79 -6.20
N ASN A 280 20.90 2.07 -7.05
CA ASN A 280 21.72 0.98 -6.54
C ASN A 280 22.82 1.44 -5.60
N ALA A 281 23.39 2.61 -5.89
CA ALA A 281 24.46 3.15 -5.07
C ALA A 281 23.91 3.63 -3.72
N LEU A 282 22.77 4.32 -3.77
CA LEU A 282 22.14 4.81 -2.54
C LEU A 282 21.71 3.63 -1.67
N ALA A 283 21.12 2.61 -2.27
CA ALA A 283 20.68 1.44 -1.52
C ALA A 283 21.87 0.74 -0.84
N ALA A 284 22.97 0.59 -1.56
CA ALA A 284 24.16 -0.05 -0.99
C ALA A 284 24.70 0.75 0.19
N SER A 285 24.71 2.07 0.06
CA SER A 285 25.21 2.93 1.13
C SER A 285 24.32 2.84 2.37
N LEU A 286 23.03 2.63 2.15
CA LEU A 286 22.08 2.53 3.25
C LEU A 286 21.98 1.12 3.83
N GLY A 287 22.50 0.15 3.09
CA GLY A 287 22.44 -1.23 3.56
C GLY A 287 21.06 -1.83 3.44
N VAL A 288 20.29 -1.40 2.44
CA VAL A 288 18.94 -1.94 2.24
C VAL A 288 18.75 -2.34 0.77
N GLU A 289 17.74 -3.15 0.48
CA GLU A 289 17.52 -3.54 -0.91
C GLU A 289 16.95 -2.36 -1.68
N ALA A 290 17.29 -2.27 -2.96
CA ALA A 290 16.81 -1.19 -3.82
C ALA A 290 15.29 -1.02 -3.75
N ASP A 291 14.57 -2.14 -3.73
CA ASP A 291 13.10 -2.14 -3.66
C ASP A 291 12.55 -1.42 -2.43
N THR A 292 13.21 -1.60 -1.30
CA THR A 292 12.76 -0.94 -0.09
C THR A 292 12.74 0.57 -0.29
N LEU A 293 13.68 1.08 -1.07
CA LEU A 293 13.72 2.51 -1.32
C LEU A 293 12.71 2.98 -2.35
N SER A 294 12.83 2.44 -3.55
CA SER A 294 11.95 2.85 -4.64
C SER A 294 10.47 2.49 -4.51
N GLU A 295 10.17 1.39 -3.81
N GLU A 295 10.18 1.39 -3.80
CA GLU A 295 8.79 0.96 -3.67
CA GLU A 295 8.80 0.95 -3.66
C GLU A 295 8.15 1.29 -2.34
C GLU A 295 8.15 1.29 -2.34
N VAL A 296 8.95 1.41 -1.28
CA VAL A 296 8.41 1.71 0.04
C VAL A 296 8.62 3.14 0.55
N TYR A 297 9.86 3.61 0.58
CA TYR A 297 10.11 4.94 1.11
C TYR A 297 10.09 6.13 0.17
N GLU A 298 10.68 5.97 -1.00
CA GLU A 298 10.74 7.05 -1.96
C GLU A 298 9.40 7.63 -2.43
N PRO A 299 8.37 6.79 -2.66
CA PRO A 299 7.07 7.32 -3.11
C PRO A 299 6.54 8.55 -2.38
N TYR A 300 6.52 8.53 -1.04
CA TYR A 300 6.03 9.68 -0.31
C TYR A 300 7.06 10.82 -0.38
N LEU A 301 8.34 10.49 -0.28
CA LEU A 301 9.36 11.54 -0.33
C LEU A 301 9.25 12.33 -1.65
N LEU A 302 8.99 11.62 -2.75
CA LEU A 302 8.82 12.27 -4.05
C LEU A 302 7.55 13.10 -4.04
N GLN A 303 6.45 12.49 -3.63
CA GLN A 303 5.16 13.16 -3.57
C GLN A 303 5.20 14.45 -2.74
N ALA A 304 5.84 14.38 -1.58
CA ALA A 304 5.95 15.53 -0.67
C ALA A 304 7.04 16.52 -1.07
N GLY A 305 7.70 16.27 -2.20
CA GLY A 305 8.73 17.20 -2.65
C GLY A 305 10.03 17.28 -1.88
N PHE A 306 10.45 16.18 -1.27
CA PHE A 306 11.72 16.15 -0.54
C PHE A 306 12.75 15.57 -1.47
N LEU A 307 12.29 14.77 -2.43
CA LEU A 307 13.20 14.12 -3.36
C LEU A 307 12.71 14.23 -4.78
N ALA A 308 13.62 14.08 -5.73
CA ALA A 308 13.27 14.13 -7.14
C ALA A 308 14.13 13.14 -7.90
N ARG A 309 13.60 12.64 -9.01
CA ARG A 309 14.34 11.68 -9.82
C ARG A 309 14.75 12.28 -11.14
N THR A 310 16.00 12.01 -11.51
CA THR A 310 16.56 12.50 -12.77
C THR A 310 17.20 11.31 -13.47
N PRO A 311 17.59 11.47 -14.73
CA PRO A 311 18.21 10.36 -15.44
C PRO A 311 19.49 9.87 -14.76
N ARG A 312 20.21 10.80 -14.13
CA ARG A 312 21.47 10.50 -13.45
C ARG A 312 21.26 9.96 -12.05
N GLY A 313 20.03 10.02 -11.55
CA GLY A 313 19.76 9.52 -10.20
C GLY A 313 18.91 10.43 -9.35
N ARG A 314 18.76 10.05 -8.08
CA ARG A 314 17.97 10.81 -7.13
C ARG A 314 18.69 12.04 -6.62
N ILE A 315 17.91 13.09 -6.34
CA ILE A 315 18.47 14.33 -5.79
C ILE A 315 17.51 14.83 -4.72
N VAL A 316 18.03 15.58 -3.76
CA VAL A 316 17.23 16.15 -2.70
C VAL A 316 16.88 17.56 -3.12
N THR A 317 15.72 18.04 -2.70
CA THR A 317 15.24 19.38 -3.05
C THR A 317 15.61 20.40 -1.98
N GLU A 318 15.36 21.68 -2.29
CA GLU A 318 15.65 22.70 -1.32
C GLU A 318 14.82 22.47 -0.06
N LYS A 319 13.59 21.97 -0.24
CA LYS A 319 12.70 21.69 0.89
C LYS A 319 13.34 20.73 1.89
N ALA A 320 14.05 19.72 1.37
CA ALA A 320 14.70 18.74 2.22
C ALA A 320 15.81 19.43 3.02
N TYR A 321 16.62 20.26 2.36
CA TYR A 321 17.69 20.97 3.06
C TYR A 321 17.09 21.84 4.18
N LYS A 322 16.07 22.62 3.83
CA LYS A 322 15.39 23.50 4.78
C LYS A 322 14.79 22.73 5.96
N HIS A 323 13.99 21.72 5.65
CA HIS A 323 13.35 20.91 6.69
C HIS A 323 14.35 20.29 7.66
N LEU A 324 15.46 19.76 7.14
CA LEU A 324 16.46 19.11 7.98
C LEU A 324 17.52 20.07 8.53
N LYS A 325 17.32 21.35 8.28
CA LYS A 325 18.22 22.39 8.77
C LYS A 325 19.64 22.32 8.23
N TYR A 326 19.78 22.06 6.94
CA TYR A 326 21.09 22.01 6.30
C TYR A 326 21.24 23.26 5.47
N GLU A 327 22.35 23.96 5.64
CA GLU A 327 22.59 25.16 4.88
C GLU A 327 22.42 24.89 3.38
N VAL A 328 21.58 25.69 2.75
CA VAL A 328 21.30 25.56 1.32
C VAL A 328 22.55 25.91 0.52
N PRO A 329 23.18 24.91 -0.11
CA PRO A 329 24.39 25.12 -0.91
C PRO A 329 24.11 25.83 -2.24
#